data_4OXX
#
_entry.id   4OXX
#
_cell.length_a   82.109
_cell.length_b   82.109
_cell.length_c   37.042
_cell.angle_alpha   90.00
_cell.angle_beta   90.00
_cell.angle_gamma   120.00
#
_symmetry.space_group_name_H-M   'P 32 2 1'
#
loop_
_entity.id
_entity.type
_entity.pdbx_description
1 polymer Cindoxin
2 non-polymer 'FLAVIN MONONUCLEOTIDE'
3 water water
#
_entity_poly.entity_id   1
_entity_poly.type   'polypeptide(L)'
_entity_poly.pdbx_seq_one_letter_code
;MNALILYGTETGNAEACATTISQVLADTVDTKVHDLADMTPRAMLDSGADLIVFATATYGEGEFAGGGAAFFETLRETKP
DLSGLRFAVFGLGDSYYTTFNQAGATAATILASLGGTQVGDTARHDTSSGDDPAATAAEWAREILTALATPAVSLEHHHH
HH
;
_entity_poly.pdbx_strand_id   A
#
loop_
_chem_comp.id
_chem_comp.type
_chem_comp.name
_chem_comp.formula
FMN non-polymer 'FLAVIN MONONUCLEOTIDE' 'C17 H21 N4 O9 P'
#
# COMPACT_ATOMS: atom_id res chain seq x y z
N MET A 1 17.85 -3.09 -0.22
CA MET A 1 16.55 -2.48 -0.51
C MET A 1 16.01 -1.85 0.78
N ASN A 2 15.41 -0.67 0.69
CA ASN A 2 14.67 -0.21 1.86
C ASN A 2 13.29 0.29 1.49
N ALA A 3 12.41 0.19 2.47
CA ALA A 3 11.00 0.31 2.21
C ALA A 3 10.34 1.39 3.02
N LEU A 4 9.35 2.03 2.41
CA LEU A 4 8.40 2.88 3.14
C LEU A 4 7.07 2.19 3.13
N ILE A 5 6.40 2.15 4.27
CA ILE A 5 5.09 1.51 4.40
C ILE A 5 4.10 2.62 4.74
N LEU A 6 3.20 2.90 3.81
CA LEU A 6 2.33 4.07 3.87
C LEU A 6 0.90 3.63 4.04
N TYR A 7 0.16 4.27 4.95
CA TYR A 7 -1.22 3.83 5.19
C TYR A 7 -2.23 4.97 5.03
N GLY A 8 -3.40 4.58 4.50
CA GLY A 8 -4.53 5.48 4.40
C GLY A 8 -5.69 4.84 5.15
N THR A 9 -6.14 5.52 6.21
CA THR A 9 -7.07 4.98 7.17
C THR A 9 -8.10 5.97 7.61
N GLU A 10 -9.25 5.47 8.06
CA GLU A 10 -10.17 6.30 8.88
C GLU A 10 -10.31 5.75 10.27
N THR A 11 -10.41 4.41 10.43
CA THR A 11 -10.71 3.85 11.75
C THR A 11 -9.57 3.00 12.33
N GLY A 12 -8.39 3.07 11.72
CA GLY A 12 -7.17 2.50 12.30
C GLY A 12 -6.73 1.16 11.74
N ASN A 13 -7.54 0.45 10.97
CA ASN A 13 -7.12 -0.86 10.50
C ASN A 13 -5.89 -0.75 9.63
N ALA A 14 -5.89 0.19 8.68
CA ALA A 14 -4.76 0.27 7.76
C ALA A 14 -3.48 0.61 8.50
N GLU A 15 -3.58 1.43 9.53
CA GLU A 15 -2.43 1.73 10.39
C GLU A 15 -1.85 0.47 11.02
N ALA A 16 -2.73 -0.33 11.63
CA ALA A 16 -2.28 -1.58 12.23
C ALA A 16 -1.60 -2.48 11.21
N CYS A 17 -2.19 -2.54 10.01
CA CYS A 17 -1.60 -3.35 8.93
C CYS A 17 -0.21 -2.86 8.57
N ALA A 18 -0.03 -1.53 8.46
CA ALA A 18 1.28 -1.00 8.12
C ALA A 18 2.31 -1.41 9.16
N THR A 19 1.95 -1.31 10.42
CA THR A 19 2.86 -1.70 11.47
C THR A 19 3.22 -3.17 11.39
N THR A 20 2.23 -4.03 11.20
CA THR A 20 2.54 -5.45 11.13
C THR A 20 3.39 -5.79 9.90
N ILE A 21 3.06 -5.20 8.75
CA ILE A 21 3.85 -5.42 7.57
C ILE A 21 5.30 -5.03 7.83
N SER A 22 5.50 -3.88 8.45
CA SER A 22 6.84 -3.38 8.74
C SER A 22 7.65 -4.36 9.57
N GLN A 23 7.01 -4.99 10.57
CA GLN A 23 7.72 -5.94 11.43
C GLN A 23 8.03 -7.23 10.73
N VAL A 24 7.16 -7.68 9.82
CA VAL A 24 7.43 -8.88 9.05
C VAL A 24 8.56 -8.65 8.05
N LEU A 25 8.58 -7.50 7.38
CA LEU A 25 9.59 -7.23 6.37
C LEU A 25 10.97 -6.92 6.96
N ALA A 26 11.03 -6.46 8.21
CA ALA A 26 12.24 -5.85 8.77
C ALA A 26 13.49 -6.71 8.80
N ASP A 27 13.39 -8.04 8.80
CA ASP A 27 14.62 -8.83 8.81
C ASP A 27 15.21 -8.93 7.40
N THR A 28 14.49 -8.54 6.38
CA THR A 28 14.92 -8.66 4.99
C THR A 28 15.20 -7.26 4.40
N VAL A 29 14.37 -6.26 4.74
CA VAL A 29 14.51 -4.91 4.24
C VAL A 29 14.28 -3.92 5.38
N ASP A 30 15.04 -2.84 5.40
CA ASP A 30 14.85 -1.77 6.37
C ASP A 30 13.55 -1.04 6.03
N THR A 31 12.77 -0.72 7.04
CA THR A 31 11.42 -0.20 6.86
C THR A 31 11.21 1.05 7.70
N LYS A 32 10.38 1.95 7.18
CA LYS A 32 9.82 3.04 7.96
C LYS A 32 8.32 3.17 7.63
N VAL A 33 7.50 3.44 8.62
CA VAL A 33 6.05 3.58 8.46
C VAL A 33 5.62 5.04 8.52
N HIS A 34 4.72 5.44 7.64
CA HIS A 34 4.16 6.81 7.67
C HIS A 34 2.70 6.79 7.30
N ASP A 35 1.94 7.68 7.91
CA ASP A 35 0.57 7.93 7.55
C ASP A 35 0.55 8.76 6.26
N LEU A 36 -0.27 8.36 5.28
CA LEU A 36 -0.51 9.17 4.09
C LEU A 36 -1.04 10.55 4.44
N ALA A 37 -1.67 10.73 5.61
CA ALA A 37 -2.11 12.05 6.00
C ALA A 37 -0.91 13.00 6.24
N ASP A 38 0.28 12.42 6.41
N ASP A 38 0.30 12.47 6.35
CA ASP A 38 1.55 13.15 6.64
CA ASP A 38 1.49 13.32 6.51
C ASP A 38 2.66 12.72 5.69
C ASP A 38 2.40 13.31 5.27
N MET A 39 2.31 12.27 4.52
CA MET A 39 3.26 11.95 3.46
C MET A 39 2.75 12.50 2.15
N THR A 40 3.67 12.86 1.28
CA THR A 40 3.35 13.33 -0.04
C THR A 40 4.20 12.56 -1.04
N PRO A 41 3.84 12.63 -2.32
CA PRO A 41 4.73 12.02 -3.33
C PRO A 41 6.14 12.62 -3.29
N ARG A 42 6.25 13.93 -3.10
CA ARG A 42 7.60 14.49 -3.06
C ARG A 42 8.40 13.97 -1.88
N ALA A 43 7.76 13.86 -0.72
CA ALA A 43 8.49 13.36 0.45
C ALA A 43 8.81 11.86 0.28
N MET A 44 7.92 11.11 -0.37
CA MET A 44 8.18 9.71 -0.68
C MET A 44 9.44 9.57 -1.52
N LEU A 45 9.51 10.35 -2.61
CA LEU A 45 10.68 10.32 -3.47
C LEU A 45 11.92 10.79 -2.73
N ASP A 46 11.80 11.79 -1.86
CA ASP A 46 12.94 12.33 -1.13
C ASP A 46 13.58 11.32 -0.21
N SER A 47 12.80 10.37 0.27
CA SER A 47 13.29 9.39 1.22
C SER A 47 14.32 8.48 0.60
N GLY A 48 14.25 8.33 -0.72
CA GLY A 48 15.13 7.41 -1.42
C GLY A 48 14.72 5.93 -1.30
N ALA A 49 13.64 5.61 -0.58
CA ALA A 49 13.20 4.22 -0.49
C ALA A 49 12.91 3.66 -1.86
N ASP A 50 13.30 2.42 -2.13
CA ASP A 50 13.01 1.87 -3.47
C ASP A 50 11.90 0.81 -3.49
N LEU A 51 11.29 0.51 -2.34
CA LEU A 51 10.07 -0.30 -2.27
C LEU A 51 9.04 0.49 -1.48
N ILE A 52 7.90 0.78 -2.08
CA ILE A 52 6.85 1.51 -1.40
C ILE A 52 5.65 0.59 -1.24
N VAL A 53 5.25 0.35 0.00
CA VAL A 53 4.12 -0.50 0.31
C VAL A 53 2.96 0.39 0.75
N PHE A 54 1.80 0.20 0.15
CA PHE A 54 0.59 0.94 0.53
C PHE A 54 -0.39 0.03 1.21
N ALA A 55 -0.92 0.47 2.35
CA ALA A 55 -2.06 -0.19 3.00
C ALA A 55 -3.19 0.81 2.99
N THR A 56 -4.20 0.54 2.15
CA THR A 56 -5.23 1.57 1.95
C THR A 56 -6.62 0.99 2.06
N ALA A 57 -7.44 1.62 2.90
CA ALA A 57 -8.87 1.29 2.97
C ALA A 57 -9.66 2.07 1.93
N THR A 58 -10.86 1.58 1.68
CA THR A 58 -11.79 2.18 0.73
C THR A 58 -13.01 2.75 1.48
N TYR A 59 -13.46 3.93 1.07
CA TYR A 59 -14.69 4.55 1.58
C TYR A 59 -15.40 5.23 0.42
N GLY A 60 -16.63 5.75 0.65
CA GLY A 60 -17.29 6.61 -0.35
C GLY A 60 -17.43 5.93 -1.73
N GLU A 61 -17.22 6.69 -2.81
CA GLU A 61 -17.36 6.19 -4.17
C GLU A 61 -16.08 5.47 -4.60
N GLY A 62 -15.68 4.42 -3.87
CA GLY A 62 -14.44 3.74 -4.19
C GLY A 62 -13.22 4.56 -3.92
N GLU A 63 -13.29 5.51 -3.00
CA GLU A 63 -12.21 6.44 -2.73
C GLU A 63 -11.23 5.91 -1.70
N PHE A 64 -10.02 6.46 -1.76
CA PHE A 64 -9.01 6.21 -0.74
C PHE A 64 -9.40 6.78 0.60
N ALA A 65 -9.23 5.99 1.66
CA ALA A 65 -9.39 6.48 3.05
C ALA A 65 -8.36 7.51 3.43
N GLY A 66 -8.72 8.40 4.33
CA GLY A 66 -7.74 9.20 5.04
C GLY A 66 -6.87 10.00 4.09
N GLY A 67 -5.56 9.99 4.33
CA GLY A 67 -4.68 10.80 3.52
C GLY A 67 -4.49 10.27 2.13
N GLY A 68 -4.99 9.06 1.81
CA GLY A 68 -4.74 8.54 0.50
C GLY A 68 -5.37 9.37 -0.60
N ALA A 69 -6.51 10.00 -0.32
CA ALA A 69 -7.18 10.70 -1.40
C ALA A 69 -6.31 11.84 -1.94
N ALA A 70 -5.78 12.67 -1.05
CA ALA A 70 -4.93 13.79 -1.49
C ALA A 70 -3.60 13.29 -2.04
N PHE A 71 -3.05 12.20 -1.50
CA PHE A 71 -1.78 11.68 -2.00
C PHE A 71 -1.91 11.24 -3.45
N PHE A 72 -2.94 10.44 -3.74
CA PHE A 72 -3.12 9.97 -5.10
C PHE A 72 -3.59 11.06 -6.05
N GLU A 73 -4.31 12.06 -5.53
CA GLU A 73 -4.60 13.21 -6.39
C GLU A 73 -3.32 13.97 -6.76
N THR A 74 -2.37 14.14 -5.82
CA THR A 74 -1.11 14.77 -6.20
C THR A 74 -0.38 13.95 -7.24
N LEU A 75 -0.39 12.62 -7.13
CA LEU A 75 0.19 11.78 -8.20
C LEU A 75 -0.50 12.04 -9.54
N ARG A 76 -1.82 12.10 -9.55
CA ARG A 76 -2.52 12.33 -10.83
C ARG A 76 -2.16 13.69 -11.41
N GLU A 77 -2.04 14.69 -10.56
CA GLU A 77 -1.83 16.08 -11.02
C GLU A 77 -0.42 16.26 -11.51
N THR A 78 0.55 15.66 -10.81
CA THR A 78 1.96 15.93 -11.10
C THR A 78 2.69 14.85 -11.89
N LYS A 79 2.19 13.61 -11.83
CA LYS A 79 2.70 12.48 -12.63
C LYS A 79 4.21 12.32 -12.57
N PRO A 80 4.75 12.23 -11.35
CA PRO A 80 6.20 12.01 -11.25
C PRO A 80 6.59 10.63 -11.77
N ASP A 81 7.83 10.51 -12.24
CA ASP A 81 8.36 9.24 -12.71
C ASP A 81 8.61 8.31 -11.56
N LEU A 82 7.95 7.15 -11.56
CA LEU A 82 8.15 6.15 -10.49
C LEU A 82 8.89 4.93 -11.01
N SER A 83 9.56 5.08 -12.16
CA SER A 83 10.22 3.92 -12.75
C SER A 83 11.41 3.42 -11.93
N GLY A 84 11.91 4.24 -10.99
CA GLY A 84 12.93 3.76 -10.05
C GLY A 84 12.40 2.94 -8.88
N LEU A 85 11.09 2.71 -8.78
CA LEU A 85 10.47 2.15 -7.59
C LEU A 85 9.77 0.82 -7.87
N ARG A 86 9.81 -0.06 -6.88
CA ARG A 86 8.89 -1.17 -6.79
C ARG A 86 7.80 -0.79 -5.81
N PHE A 87 6.60 -1.37 -5.94
CA PHE A 87 5.53 -1.07 -4.99
C PHE A 87 4.73 -2.33 -4.74
N ALA A 88 3.99 -2.30 -3.63
CA ALA A 88 3.08 -3.40 -3.30
C ALA A 88 1.86 -2.75 -2.65
N VAL A 89 0.70 -3.36 -2.81
CA VAL A 89 -0.55 -2.80 -2.32
C VAL A 89 -1.32 -3.83 -1.50
N PHE A 90 -1.62 -3.45 -0.26
CA PHE A 90 -2.49 -4.20 0.62
C PHE A 90 -3.79 -3.40 0.78
N GLY A 91 -4.85 -3.82 0.09
CA GLY A 91 -6.11 -3.11 0.19
C GLY A 91 -6.97 -3.63 1.30
N LEU A 92 -7.68 -2.73 1.96
CA LEU A 92 -8.72 -3.04 2.92
C LEU A 92 -10.06 -2.59 2.40
N GLY A 93 -11.07 -3.44 2.60
CA GLY A 93 -12.45 -3.11 2.24
C GLY A 93 -13.38 -4.09 2.92
N ASP A 94 -14.59 -4.20 2.39
CA ASP A 94 -15.62 -4.97 3.04
C ASP A 94 -16.68 -5.21 1.97
N SER A 95 -16.95 -6.47 1.66
CA SER A 95 -17.92 -6.82 0.61
C SER A 95 -19.39 -6.56 1.00
N TYR A 96 -19.61 -6.10 2.24
CA TYR A 96 -20.87 -5.48 2.57
C TYR A 96 -21.15 -4.29 1.65
N TYR A 97 -20.11 -3.59 1.21
CA TYR A 97 -20.23 -2.37 0.41
C TYR A 97 -19.98 -2.64 -1.06
N THR A 98 -20.55 -1.80 -1.88
CA THR A 98 -20.18 -1.75 -3.30
C THR A 98 -18.78 -1.10 -3.41
N THR A 99 -18.29 -0.95 -4.63
CA THR A 99 -16.92 -0.52 -4.90
C THR A 99 -15.96 -1.28 -3.96
N PHE A 100 -16.12 -2.61 -3.91
CA PHE A 100 -15.37 -3.44 -2.98
C PHE A 100 -13.85 -3.35 -3.24
N ASN A 101 -13.12 -2.88 -2.24
CA ASN A 101 -11.68 -2.83 -2.30
C ASN A 101 -11.16 -2.00 -3.48
N GLN A 102 -11.94 -1.00 -3.92
CA GLN A 102 -11.55 -0.27 -5.12
C GLN A 102 -10.30 0.61 -4.88
N ALA A 103 -10.06 1.06 -3.66
CA ALA A 103 -8.90 1.92 -3.43
C ALA A 103 -7.59 1.18 -3.77
N GLY A 104 -7.44 -0.08 -3.33
CA GLY A 104 -6.24 -0.81 -3.64
C GLY A 104 -6.07 -0.98 -5.16
N ALA A 105 -7.17 -1.30 -5.84
CA ALA A 105 -7.08 -1.46 -7.30
C ALA A 105 -6.62 -0.14 -7.97
N THR A 106 -7.19 0.97 -7.50
CA THR A 106 -6.87 2.28 -8.08
C THR A 106 -5.39 2.62 -7.83
N ALA A 107 -4.92 2.31 -6.61
CA ALA A 107 -3.50 2.60 -6.30
C ALA A 107 -2.60 1.85 -7.27
N ALA A 108 -2.87 0.54 -7.49
CA ALA A 108 -2.01 -0.22 -8.38
C ALA A 108 -2.06 0.34 -9.79
N THR A 109 -3.24 0.72 -10.28
CA THR A 109 -3.34 1.33 -11.59
C THR A 109 -2.49 2.58 -11.73
N ILE A 110 -2.61 3.49 -10.78
CA ILE A 110 -1.91 4.75 -10.91
C ILE A 110 -0.40 4.55 -10.78
N LEU A 111 0.02 3.76 -9.81
CA LEU A 111 1.46 3.57 -9.57
C LEU A 111 2.13 2.91 -10.76
N ALA A 112 1.49 1.90 -11.34
CA ALA A 112 2.05 1.23 -12.52
C ALA A 112 2.09 2.17 -13.70
N SER A 113 1.08 3.03 -13.85
CA SER A 113 1.03 3.94 -15.01
C SER A 113 2.17 4.94 -14.99
N LEU A 114 2.72 5.21 -13.81
CA LEU A 114 3.83 6.12 -13.66
C LEU A 114 5.16 5.38 -13.72
N GLY A 115 5.15 4.08 -14.02
CA GLY A 115 6.39 3.36 -14.20
C GLY A 115 6.78 2.50 -13.02
N GLY A 116 6.03 2.52 -11.91
CA GLY A 116 6.34 1.65 -10.82
C GLY A 116 6.17 0.19 -11.18
N THR A 117 6.95 -0.69 -10.55
CA THR A 117 6.86 -2.13 -10.81
C THR A 117 6.22 -2.81 -9.61
N GLN A 118 5.07 -3.44 -9.81
CA GLN A 118 4.41 -4.09 -8.69
C GLN A 118 5.09 -5.38 -8.30
N VAL A 119 5.16 -5.62 -6.98
CA VAL A 119 5.63 -6.86 -6.39
C VAL A 119 4.41 -7.53 -5.75
N GLY A 120 4.18 -8.82 -6.06
CA GLY A 120 3.07 -9.52 -5.47
C GLY A 120 1.76 -9.08 -6.02
N ASP A 121 0.71 -9.57 -5.38
CA ASP A 121 -0.65 -9.29 -5.73
C ASP A 121 -1.20 -8.16 -4.91
N THR A 122 -2.18 -7.46 -5.44
CA THR A 122 -2.95 -6.48 -4.67
C THR A 122 -3.84 -7.24 -3.70
N ALA A 123 -3.61 -7.12 -2.39
CA ALA A 123 -4.47 -7.81 -1.43
C ALA A 123 -5.84 -7.13 -1.43
N ARG A 124 -6.86 -7.91 -1.10
CA ARG A 124 -8.23 -7.45 -0.94
C ARG A 124 -8.79 -7.94 0.41
N HIS A 125 -8.27 -7.42 1.51
CA HIS A 125 -8.80 -7.85 2.79
C HIS A 125 -10.28 -7.46 2.89
N ASP A 126 -11.11 -8.37 3.41
CA ASP A 126 -12.55 -8.18 3.48
C ASP A 126 -12.97 -8.29 4.93
N THR A 127 -13.44 -7.18 5.51
CA THR A 127 -13.90 -7.22 6.90
C THR A 127 -14.97 -8.29 7.08
N SER A 128 -15.81 -8.53 6.08
CA SER A 128 -16.91 -9.49 6.23
C SER A 128 -16.43 -10.91 6.23
N SER A 129 -15.17 -11.17 5.94
CA SER A 129 -14.59 -12.50 6.10
C SER A 129 -14.44 -12.87 7.56
N GLY A 130 -14.44 -11.89 8.44
CA GLY A 130 -14.16 -12.09 9.85
C GLY A 130 -12.67 -12.11 10.17
N ASP A 131 -11.81 -12.07 9.16
CA ASP A 131 -10.38 -12.18 9.48
C ASP A 131 -9.77 -10.90 9.95
N ASP A 132 -8.86 -10.95 10.90
CA ASP A 132 -8.29 -9.71 11.41
C ASP A 132 -7.42 -9.07 10.33
N PRO A 133 -7.59 -7.77 10.05
CA PRO A 133 -6.79 -7.16 8.96
C PRO A 133 -5.27 -7.26 9.21
N ALA A 134 -4.83 -6.95 10.40
CA ALA A 134 -3.40 -6.94 10.66
C ALA A 134 -2.79 -8.34 10.52
N ALA A 135 -3.50 -9.36 10.98
CA ALA A 135 -3.02 -10.72 10.81
C ALA A 135 -2.92 -11.07 9.32
N THR A 136 -3.94 -10.68 8.55
CA THR A 136 -3.93 -10.94 7.13
C THR A 136 -2.78 -10.19 6.45
N ALA A 137 -2.52 -8.96 6.91
CA ALA A 137 -1.41 -8.18 6.35
C ALA A 137 -0.06 -8.85 6.64
N ALA A 138 0.08 -9.47 7.82
CA ALA A 138 1.32 -10.16 8.15
C ALA A 138 1.55 -11.32 7.20
N GLU A 139 0.51 -12.09 6.94
CA GLU A 139 0.62 -13.20 6.00
C GLU A 139 0.94 -12.71 4.58
N TRP A 140 0.30 -11.62 4.16
CA TRP A 140 0.56 -11.06 2.85
C TRP A 140 2.00 -10.57 2.76
N ALA A 141 2.50 -9.98 3.85
CA ALA A 141 3.89 -9.51 3.81
C ALA A 141 4.85 -10.68 3.55
N ARG A 142 4.56 -11.87 4.07
CA ARG A 142 5.41 -13.01 3.74
C ARG A 142 5.32 -13.38 2.26
N GLU A 143 4.15 -13.24 1.66
CA GLU A 143 4.04 -13.44 0.21
C GLU A 143 4.90 -12.44 -0.55
N ILE A 144 4.96 -11.19 -0.09
CA ILE A 144 5.78 -10.20 -0.75
C ILE A 144 7.25 -10.59 -0.66
N LEU A 145 7.69 -11.03 0.53
CA LEU A 145 9.07 -11.51 0.69
C LEU A 145 9.35 -12.64 -0.31
N THR A 146 8.43 -13.57 -0.48
CA THR A 146 8.63 -14.70 -1.38
C THR A 146 8.76 -14.19 -2.82
N ALA A 147 7.90 -13.23 -3.20
CA ALA A 147 7.95 -12.66 -4.54
C ALA A 147 9.28 -11.98 -4.83
N LEU A 148 9.78 -11.22 -3.85
CA LEU A 148 11.07 -10.56 -4.00
C LEU A 148 12.22 -11.54 -4.21
N ALA A 149 12.07 -12.78 -3.72
CA ALA A 149 13.11 -13.81 -3.78
C ALA A 149 12.96 -14.72 -5.01
N THR A 150 11.94 -14.47 -5.83
CA THR A 150 11.57 -15.32 -6.95
C THR A 150 12.06 -14.74 -8.29
N PRO A 151 12.89 -15.51 -9.02
CA PRO A 151 13.40 -15.03 -10.31
C PRO A 151 12.45 -15.30 -11.47
N ALA A 152 12.81 -14.77 -12.64
CA ALA A 152 12.04 -15.01 -13.88
C ALA A 152 12.00 -16.47 -14.29
N VAL A 153 13.15 -17.16 -14.23
CA VAL A 153 13.15 -18.58 -14.54
C VAL A 153 13.74 -19.33 -13.36
N1 FMN B . -15.15 -1.11 1.84
C2 FMN B . -15.09 -1.31 0.50
O2 FMN B . -14.53 -2.32 0.06
N3 FMN B . -15.65 -0.43 -0.37
C4 FMN B . -16.35 0.66 0.04
O4 FMN B . -16.82 1.46 -0.80
C4A FMN B . -16.47 0.86 1.45
N5 FMN B . -17.17 1.93 1.93
C5A FMN B . -17.35 2.04 3.31
C6 FMN B . -18.22 3.02 3.78
C7 FMN B . -18.41 3.18 5.14
C7M FMN B . -19.28 4.31 5.61
C8 FMN B . -17.74 2.33 6.03
C8M FMN B . -17.90 2.46 7.53
C9 FMN B . -16.86 1.33 5.56
C9A FMN B . -16.67 1.19 4.18
N10 FMN B . -15.85 0.18 3.66
C10 FMN B . -15.82 -0.04 2.29
C1' FMN B . -15.15 -0.78 4.55
C2' FMN B . -13.80 -0.21 5.08
O2' FMN B . -12.86 0.01 4.04
C3' FMN B . -13.21 -1.25 6.04
O3' FMN B . -14.05 -1.23 7.24
C4' FMN B . -11.73 -1.04 6.39
O4' FMN B . -11.27 -2.12 7.21
C5' FMN B . -11.50 0.24 7.13
O5' FMN B . -10.08 0.45 7.31
P FMN B . -9.57 1.61 8.24
O1P FMN B . -10.33 2.88 7.89
O2P FMN B . -9.87 1.19 9.68
O3P FMN B . -8.11 1.69 7.98
#